data_7AZA
#
_entry.id   7AZA
#
_cell.length_a   98.323
_cell.length_b   52.678
_cell.length_c   58.665
_cell.angle_alpha   90.000
_cell.angle_beta   117.860
_cell.angle_gamma   90.000
#
_symmetry.space_group_name_H-M   'C 1 2 1'
#
loop_
_entity.id
_entity.type
_entity.pdbx_description
1 polymer 'Triosephosphate isomerase'
2 non-polymer 'PHOSPHOGLYCOLOHYDROXAMIC ACID'
3 water water
#
_entity_poly.entity_id   1
_entity_poly.type   'polypeptide(L)'
_entity_poly.pdbx_seq_one_letter_code
;MSAKPQPIAAANWKCNGTTASIEKLVQVFNEHTISHDVQCVVAPTFVHIPLVQAKLRNPKYVISAQNAIAKSGAFTGEVS
MPILKDIGVHWVILGHSERRTYYGETDEIVAQKVSEACKQGFMVIACIGETLQQREANQTAKVVLSQTSAIAAKLTKDAW
NQVVLAYEPVWAIGTGKVATPEQAQEVHLLLRKWVSENIGTDVAAKLRILYGGSVNAANAATLYAKPDINGFLVGGASLK
PEFRDIIDATR
;
_entity_poly.pdbx_strand_id   A
#
# COMPACT_ATOMS: atom_id res chain seq x y z
N ALA A 3 -18.45 -11.40 4.67
CA ALA A 3 -17.14 -11.47 5.33
C ALA A 3 -16.13 -10.57 4.63
N LYS A 4 -14.98 -10.39 5.26
CA LYS A 4 -13.95 -9.53 4.70
C LYS A 4 -13.11 -10.29 3.67
N PRO A 5 -12.60 -9.59 2.67
CA PRO A 5 -11.65 -10.22 1.76
C PRO A 5 -10.33 -10.50 2.46
N GLN A 6 -9.46 -11.19 1.75
CA GLN A 6 -8.16 -11.58 2.29
C GLN A 6 -7.37 -10.35 2.71
N PRO A 7 -6.89 -10.30 3.96
CA PRO A 7 -6.13 -9.13 4.41
C PRO A 7 -4.75 -9.09 3.81
N ILE A 8 -4.16 -7.89 3.86
CA ILE A 8 -2.80 -7.64 3.45
C ILE A 8 -2.07 -6.98 4.59
N ALA A 9 -0.87 -7.44 4.87
CA ALA A 9 0.05 -6.75 5.77
C ALA A 9 1.29 -6.43 4.97
N ALA A 10 1.52 -5.14 4.74
CA ALA A 10 2.57 -4.71 3.83
C ALA A 10 3.62 -3.89 4.56
N ALA A 11 4.87 -4.20 4.33
CA ALA A 11 6.03 -3.53 4.92
C ALA A 11 6.65 -2.60 3.89
N ASN A 12 6.53 -1.32 4.10
CA ASN A 12 7.23 -0.33 3.29
C ASN A 12 8.50 0.06 4.00
N TRP A 13 9.62 -0.51 3.62
CA TRP A 13 10.88 -0.21 4.28
C TRP A 13 11.43 1.16 3.92
N LYS A 14 10.83 1.86 2.97
CA LYS A 14 11.28 3.17 2.53
C LYS A 14 12.75 3.12 2.18
N CYS A 15 13.49 4.19 2.40
CA CYS A 15 14.88 4.26 2.00
C CYS A 15 15.75 3.88 3.18
N ASN A 16 15.70 2.61 3.55
CA ASN A 16 16.36 2.13 4.74
C ASN A 16 16.89 0.73 4.49
N GLY A 17 17.89 0.37 5.29
CA GLY A 17 18.43 -0.98 5.31
C GLY A 17 19.88 -1.04 4.99
N THR A 18 20.53 -2.05 5.55
CA THR A 18 21.85 -2.48 5.12
C THR A 18 21.75 -3.98 4.84
N THR A 19 22.77 -4.54 4.20
CA THR A 19 22.69 -5.96 3.93
C THR A 19 22.58 -6.75 5.23
N ALA A 20 23.35 -6.36 6.23
CA ALA A 20 23.33 -7.11 7.47
C ALA A 20 21.99 -7.00 8.19
N SER A 21 21.40 -5.81 8.23
CA SER A 21 20.14 -5.67 8.94
C SER A 21 19.02 -6.37 8.22
N ILE A 22 19.04 -6.34 6.89
CA ILE A 22 18.00 -7.01 6.13
C ILE A 22 18.12 -8.52 6.28
N GLU A 23 19.32 -9.06 6.26
CA GLU A 23 19.46 -10.51 6.45
C GLU A 23 18.89 -10.93 7.79
N LYS A 24 19.12 -10.18 8.84
CA LYS A 24 18.59 -10.51 10.15
C LYS A 24 17.07 -10.42 10.16
N LEU A 25 16.51 -9.36 9.58
CA LEU A 25 15.07 -9.20 9.63
C LEU A 25 14.37 -10.24 8.78
N VAL A 26 14.92 -10.57 7.61
CA VAL A 26 14.29 -11.60 6.80
C VAL A 26 14.29 -12.94 7.51
N GLN A 27 15.34 -13.23 8.26
CA GLN A 27 15.38 -14.47 9.06
C GLN A 27 14.26 -14.48 10.08
N VAL A 28 14.01 -13.36 10.74
CA VAL A 28 12.89 -13.26 11.68
C VAL A 28 11.57 -13.53 10.99
N PHE A 29 11.38 -12.95 9.80
CA PHE A 29 10.13 -13.16 9.09
C PHE A 29 10.00 -14.61 8.62
N ASN A 30 11.10 -15.23 8.23
CA ASN A 30 11.06 -16.62 7.78
C ASN A 30 10.66 -17.57 8.91
N GLU A 31 11.10 -17.30 10.13
CA GLU A 31 10.85 -18.20 11.24
C GLU A 31 9.50 -17.98 11.90
N HIS A 32 8.76 -16.96 11.52
CA HIS A 32 7.41 -16.72 12.02
C HIS A 32 6.42 -17.48 11.19
N THR A 33 5.77 -18.45 11.80
CA THR A 33 4.80 -19.27 11.11
C THR A 33 3.47 -18.56 11.14
N ILE A 34 2.91 -18.32 9.97
CA ILE A 34 1.64 -17.62 9.83
C ILE A 34 0.57 -18.65 9.51
N SER A 35 -0.48 -18.71 10.33
CA SER A 35 -1.43 -19.79 10.20
C SER A 35 -2.75 -19.39 9.58
N HIS A 36 -2.97 -18.13 9.28
CA HIS A 36 -4.21 -17.70 8.67
C HIS A 36 -3.95 -17.19 7.26
N ASP A 37 -5.03 -16.92 6.55
CA ASP A 37 -4.96 -16.47 5.16
C ASP A 37 -4.72 -14.96 5.15
N VAL A 38 -3.50 -14.57 4.79
CA VAL A 38 -3.09 -13.17 4.70
C VAL A 38 -2.04 -13.10 3.60
N GLN A 39 -2.04 -12.01 2.83
CA GLN A 39 -0.96 -11.75 1.91
C GLN A 39 0.00 -10.80 2.59
N CYS A 40 1.20 -11.24 2.83
CA CYS A 40 2.24 -10.36 3.34
C CYS A 40 3.03 -9.82 2.17
N VAL A 41 3.47 -8.57 2.27
CA VAL A 41 4.20 -7.89 1.21
C VAL A 41 5.39 -7.22 1.86
N VAL A 42 6.57 -7.32 1.26
CA VAL A 42 7.71 -6.54 1.71
C VAL A 42 8.20 -5.74 0.52
N ALA A 43 8.44 -4.45 0.75
CA ALA A 43 8.89 -3.52 -0.29
C ALA A 43 10.24 -2.96 0.11
N PRO A 44 11.31 -3.59 -0.31
CA PRO A 44 12.67 -3.09 -0.06
C PRO A 44 13.04 -2.00 -1.07
N THR A 45 14.13 -1.31 -0.82
CA THR A 45 14.67 -0.46 -1.87
C THR A 45 15.05 -1.29 -3.09
N PHE A 46 15.17 -0.63 -4.23
CA PHE A 46 15.47 -1.35 -5.47
C PHE A 46 16.71 -2.19 -5.35
N VAL A 47 17.78 -1.64 -4.76
CA VAL A 47 19.05 -2.36 -4.75
C VAL A 47 19.03 -3.57 -3.84
N HIS A 48 18.08 -3.65 -2.92
CA HIS A 48 17.94 -4.77 -2.01
C HIS A 48 16.96 -5.81 -2.50
N ILE A 49 16.26 -5.59 -3.60
CA ILE A 49 15.32 -6.59 -4.08
C ILE A 49 16.00 -7.93 -4.32
N PRO A 50 17.14 -8.01 -4.99
CA PRO A 50 17.75 -9.36 -5.24
C PRO A 50 18.13 -10.07 -3.96
N LEU A 51 18.62 -9.35 -2.98
CA LEU A 51 18.95 -9.96 -1.69
C LEU A 51 17.72 -10.53 -1.03
N VAL A 52 16.63 -9.78 -1.01
CA VAL A 52 15.42 -10.28 -0.37
C VAL A 52 14.84 -11.46 -1.15
N GLN A 53 14.92 -11.42 -2.49
CA GLN A 53 14.47 -12.57 -3.28
C GLN A 53 15.25 -13.82 -2.92
N ALA A 54 16.53 -13.68 -2.65
CA ALA A 54 17.38 -14.82 -2.37
C ALA A 54 17.13 -15.37 -0.97
N LYS A 55 16.76 -14.55 -0.02
CA LYS A 55 16.72 -14.98 1.36
C LYS A 55 15.31 -15.22 1.90
N LEU A 56 14.28 -14.60 1.34
CA LEU A 56 12.94 -14.68 1.90
C LEU A 56 12.31 -15.97 1.42
N ARG A 57 11.84 -16.77 2.35
CA ARG A 57 11.27 -18.07 2.04
C ARG A 57 9.86 -18.27 2.59
N ASN A 58 9.39 -17.40 3.44
CA ASN A 58 8.08 -17.57 4.04
C ASN A 58 7.02 -17.54 2.93
N PRO A 59 6.20 -18.57 2.79
CA PRO A 59 5.35 -18.62 1.60
C PRO A 59 4.22 -17.64 1.60
N LYS A 60 3.97 -16.92 2.68
CA LYS A 60 2.93 -15.94 2.68
C LYS A 60 3.36 -14.59 2.14
N TYR A 61 4.61 -14.43 1.74
CA TYR A 61 5.14 -13.14 1.34
C TYR A 61 5.36 -13.05 -0.16
N VAL A 62 5.16 -11.85 -0.67
CA VAL A 62 5.59 -11.43 -1.99
C VAL A 62 6.43 -10.18 -1.82
N ILE A 63 7.21 -9.86 -2.84
CA ILE A 63 8.07 -8.68 -2.84
C ILE A 63 7.43 -7.62 -3.73
N SER A 64 7.47 -6.39 -3.29
CA SER A 64 6.98 -5.24 -4.04
C SER A 64 8.06 -4.22 -4.23
N ALA A 65 7.98 -3.49 -5.32
CA ALA A 65 8.77 -2.27 -5.46
C ALA A 65 8.05 -1.09 -4.78
N GLN A 66 8.80 -0.06 -4.47
CA GLN A 66 8.28 1.15 -3.82
C GLN A 66 7.85 2.22 -4.81
N ASN A 67 8.14 2.05 -6.07
CA ASN A 67 7.82 2.98 -7.13
C ASN A 67 8.25 2.34 -8.44
N ALA A 68 7.82 2.91 -9.55
CA ALA A 68 8.32 2.55 -10.86
C ALA A 68 7.82 3.58 -11.85
N ILE A 69 8.44 3.60 -13.01
CA ILE A 69 7.91 4.29 -14.18
C ILE A 69 7.38 3.25 -15.16
N ALA A 70 6.57 3.70 -16.12
CA ALA A 70 5.80 2.77 -16.94
C ALA A 70 6.61 2.08 -18.03
N LYS A 71 7.61 2.74 -18.61
N LYS A 71 7.63 2.75 -18.59
CA LYS A 71 8.29 2.15 -19.76
CA LYS A 71 8.31 2.29 -19.78
C LYS A 71 9.78 2.41 -19.67
C LYS A 71 9.81 2.38 -19.60
N SER A 72 10.53 1.45 -20.19
CA SER A 72 11.98 1.56 -20.29
C SER A 72 12.38 2.64 -21.28
N GLY A 73 13.57 3.15 -21.13
CA GLY A 73 14.13 4.08 -22.07
C GLY A 73 15.06 5.05 -21.40
N ALA A 74 15.10 6.25 -21.93
CA ALA A 74 16.09 7.26 -21.57
C ALA A 74 15.62 8.06 -20.35
N PHE A 75 15.61 7.38 -19.21
CA PHE A 75 15.14 7.94 -17.94
C PHE A 75 16.18 7.63 -16.86
N THR A 76 17.31 8.31 -16.92
CA THR A 76 18.43 8.02 -16.01
C THR A 76 17.97 8.10 -14.57
N GLY A 77 18.28 7.02 -13.84
CA GLY A 77 17.99 6.90 -12.44
C GLY A 77 16.72 6.18 -12.10
N GLU A 78 15.82 5.96 -13.04
CA GLU A 78 14.52 5.36 -12.75
C GLU A 78 14.51 3.88 -13.11
N VAL A 79 13.53 3.15 -12.57
CA VAL A 79 13.34 1.73 -12.82
C VAL A 79 11.94 1.55 -13.40
N SER A 80 11.83 0.82 -14.50
CA SER A 80 10.57 0.65 -15.19
C SER A 80 9.84 -0.63 -14.80
N MET A 81 8.56 -0.62 -15.10
CA MET A 81 7.72 -1.79 -14.87
C MET A 81 8.19 -3.02 -15.64
N PRO A 82 8.58 -2.93 -16.90
CA PRO A 82 9.09 -4.12 -17.59
C PRO A 82 10.34 -4.68 -16.97
N ILE A 83 11.21 -3.84 -16.45
CA ILE A 83 12.42 -4.31 -15.80
C ILE A 83 12.07 -5.07 -14.52
N LEU A 84 11.12 -4.55 -13.74
CA LEU A 84 10.68 -5.22 -12.53
C LEU A 84 10.07 -6.57 -12.84
N LYS A 85 9.21 -6.63 -13.87
CA LYS A 85 8.59 -7.90 -14.21
C LYS A 85 9.62 -8.93 -14.59
N ASP A 86 10.64 -8.52 -15.35
CA ASP A 86 11.67 -9.44 -15.80
C ASP A 86 12.44 -10.02 -14.65
N ILE A 87 12.64 -9.26 -13.55
CA ILE A 87 13.35 -9.76 -12.39
C ILE A 87 12.42 -10.46 -11.42
N GLY A 88 11.15 -10.56 -11.73
CA GLY A 88 10.25 -11.34 -10.89
C GLY A 88 9.42 -10.56 -9.89
N VAL A 89 9.34 -9.25 -10.01
CA VAL A 89 8.58 -8.44 -9.09
C VAL A 89 7.30 -8.01 -9.80
N HIS A 90 6.17 -8.32 -9.21
CA HIS A 90 4.90 -8.02 -9.84
C HIS A 90 3.93 -7.34 -8.89
N TRP A 91 4.44 -6.72 -7.82
CA TRP A 91 3.71 -5.80 -6.96
C TRP A 91 4.45 -4.49 -6.97
N VAL A 92 3.70 -3.38 -6.89
CA VAL A 92 4.30 -2.06 -6.78
C VAL A 92 3.40 -1.17 -5.94
N ILE A 93 4.02 -0.32 -5.15
CA ILE A 93 3.36 0.78 -4.44
C ILE A 93 3.47 2.01 -5.31
N LEU A 94 2.35 2.68 -5.53
CA LEU A 94 2.32 3.87 -6.34
C LEU A 94 1.58 5.01 -5.65
N GLY A 95 2.08 6.21 -5.81
CA GLY A 95 1.44 7.37 -5.27
C GLY A 95 1.63 7.60 -3.80
N HIS A 96 2.67 7.04 -3.21
CA HIS A 96 2.92 7.30 -1.81
C HIS A 96 3.05 8.80 -1.58
N SER A 97 2.57 9.22 -0.40
N SER A 97 2.62 9.24 -0.41
CA SER A 97 2.62 10.62 -0.01
CA SER A 97 2.60 10.68 -0.16
C SER A 97 3.99 11.24 -0.19
C SER A 97 4.00 11.29 -0.16
N GLU A 98 5.06 10.52 0.15
CA GLU A 98 6.39 11.08 0.00
C GLU A 98 6.70 11.40 -1.45
N ARG A 99 6.22 10.61 -2.39
CA ARG A 99 6.44 10.92 -3.78
C ARG A 99 5.54 12.04 -4.28
N ARG A 100 4.30 12.11 -3.78
CA ARG A 100 3.41 13.21 -4.13
C ARG A 100 3.95 14.53 -3.60
N THR A 101 4.64 14.50 -2.47
CA THR A 101 5.11 15.71 -1.79
C THR A 101 6.49 16.14 -2.27
N TYR A 102 7.47 15.25 -2.26
CA TYR A 102 8.85 15.61 -2.60
C TYR A 102 9.16 15.50 -4.08
N TYR A 103 8.48 14.61 -4.80
CA TYR A 103 8.93 14.21 -6.13
C TYR A 103 7.88 14.48 -7.22
N GLY A 104 6.95 15.39 -6.94
CA GLY A 104 6.09 15.97 -7.95
C GLY A 104 5.03 15.08 -8.54
N GLU A 105 4.65 14.01 -7.86
CA GLU A 105 3.67 13.10 -8.43
C GLU A 105 2.27 13.63 -8.17
N THR A 106 1.66 14.15 -9.20
CA THR A 106 0.31 14.68 -9.15
C THR A 106 -0.68 13.54 -9.31
N ASP A 107 -1.96 13.82 -9.09
CA ASP A 107 -3.00 12.83 -9.30
C ASP A 107 -2.93 12.24 -10.71
N GLU A 108 -2.67 13.07 -11.71
CA GLU A 108 -2.65 12.52 -13.06
C GLU A 108 -1.45 11.62 -13.29
N ILE A 109 -0.29 11.97 -12.73
CA ILE A 109 0.88 11.11 -12.84
C ILE A 109 0.62 9.79 -12.14
N VAL A 110 0.05 9.82 -10.94
CA VAL A 110 -0.24 8.59 -10.22
C VAL A 110 -1.23 7.74 -11.00
N ALA A 111 -2.31 8.35 -11.51
CA ALA A 111 -3.31 7.60 -12.23
C ALA A 111 -2.74 6.94 -13.48
N GLN A 112 -1.87 7.65 -14.18
CA GLN A 112 -1.22 7.05 -15.34
C GLN A 112 -0.35 5.88 -14.94
N LYS A 113 0.43 6.02 -13.87
CA LYS A 113 1.27 4.90 -13.43
C LYS A 113 0.42 3.70 -13.04
N VAL A 114 -0.66 3.92 -12.30
CA VAL A 114 -1.51 2.81 -11.88
C VAL A 114 -2.09 2.09 -13.09
N SER A 115 -2.58 2.86 -14.05
N SER A 115 -2.56 2.83 -14.07
CA SER A 115 -3.16 2.28 -15.26
CA SER A 115 -3.18 2.19 -15.22
C SER A 115 -2.15 1.40 -16.00
C SER A 115 -2.15 1.39 -16.03
N GLU A 116 -0.94 1.91 -16.17
CA GLU A 116 0.11 1.16 -16.84
C GLU A 116 0.51 -0.08 -16.07
N ALA A 117 0.62 0.00 -14.74
CA ALA A 117 0.94 -1.17 -13.95
C ALA A 117 -0.13 -2.24 -14.10
N CYS A 118 -1.39 -1.83 -14.10
CA CYS A 118 -2.45 -2.83 -14.25
C CYS A 118 -2.38 -3.49 -15.61
N LYS A 119 -2.11 -2.71 -16.66
CA LYS A 119 -2.01 -3.26 -18.01
C LYS A 119 -0.89 -4.26 -18.10
N GLN A 120 0.19 -4.04 -17.36
CA GLN A 120 1.34 -4.91 -17.37
C GLN A 120 1.25 -6.02 -16.35
N GLY A 121 0.10 -6.22 -15.70
CA GLY A 121 -0.09 -7.38 -14.88
C GLY A 121 0.36 -7.26 -13.45
N PHE A 122 0.64 -6.05 -12.97
CA PHE A 122 1.00 -5.85 -11.57
C PHE A 122 -0.20 -5.89 -10.65
N MET A 123 0.04 -6.28 -9.40
CA MET A 123 -0.81 -5.90 -8.29
C MET A 123 -0.29 -4.55 -7.79
N VAL A 124 -1.20 -3.61 -7.56
CA VAL A 124 -0.83 -2.24 -7.23
C VAL A 124 -1.41 -1.88 -5.88
N ILE A 125 -0.59 -1.31 -5.02
CA ILE A 125 -1.03 -0.64 -3.81
C ILE A 125 -1.00 0.85 -4.11
N ALA A 126 -2.16 1.45 -4.25
CA ALA A 126 -2.28 2.86 -4.62
C ALA A 126 -2.60 3.67 -3.37
N CYS A 127 -1.79 4.67 -3.08
CA CYS A 127 -1.90 5.43 -1.83
C CYS A 127 -2.67 6.73 -2.02
N ILE A 128 -3.57 7.02 -1.08
CA ILE A 128 -4.36 8.25 -1.06
C ILE A 128 -4.37 8.74 0.38
N GLY A 129 -4.70 10.02 0.56
CA GLY A 129 -4.86 10.54 1.91
C GLY A 129 -4.78 12.04 1.92
N GLU A 130 -5.36 12.61 2.97
CA GLU A 130 -5.47 14.06 3.16
C GLU A 130 -4.41 14.59 4.10
N THR A 131 -4.09 15.87 3.95
CA THR A 131 -3.19 16.55 4.86
C THR A 131 -3.93 17.05 6.09
N LEU A 132 -3.16 17.47 7.09
CA LEU A 132 -3.77 18.02 8.29
C LEU A 132 -4.62 19.24 7.96
N GLN A 133 -4.14 20.10 7.06
CA GLN A 133 -4.91 21.30 6.69
C GLN A 133 -6.23 20.92 6.06
N GLN A 134 -6.21 19.92 5.18
CA GLN A 134 -7.42 19.47 4.55
C GLN A 134 -8.37 18.85 5.55
N ARG A 135 -7.86 18.08 6.50
CA ARG A 135 -8.76 17.54 7.51
C ARG A 135 -9.40 18.64 8.34
N GLU A 136 -8.64 19.66 8.73
CA GLU A 136 -9.19 20.72 9.59
C GLU A 136 -10.13 21.62 8.82
N ALA A 137 -10.03 21.67 7.50
CA ALA A 137 -10.97 22.36 6.62
C ALA A 137 -12.18 21.48 6.25
N ASN A 138 -12.29 20.30 6.83
N ASN A 138 -12.29 20.30 6.83
CA ASN A 138 -13.39 19.37 6.57
CA ASN A 138 -13.39 19.37 6.57
C ASN A 138 -13.46 18.98 5.09
C ASN A 138 -13.46 18.98 5.09
N GLN A 139 -12.29 18.88 4.47
CA GLN A 139 -12.18 18.46 3.09
C GLN A 139 -11.73 17.00 2.93
N THR A 140 -11.67 16.21 4.00
CA THR A 140 -11.14 14.85 3.87
C THR A 140 -11.86 14.06 2.79
N ALA A 141 -13.19 14.04 2.82
CA ALA A 141 -13.92 13.24 1.84
C ALA A 141 -13.68 13.72 0.43
N LYS A 142 -13.69 15.04 0.22
CA LYS A 142 -13.49 15.54 -1.14
C LYS A 142 -12.14 15.14 -1.67
N VAL A 143 -11.12 15.21 -0.81
CA VAL A 143 -9.74 14.95 -1.22
C VAL A 143 -9.58 13.49 -1.58
N VAL A 144 -9.95 12.59 -0.68
CA VAL A 144 -9.71 11.17 -0.96
C VAL A 144 -10.55 10.69 -2.12
N LEU A 145 -11.77 11.24 -2.28
CA LEU A 145 -12.56 10.81 -3.42
C LEU A 145 -12.05 11.40 -4.72
N SER A 146 -11.48 12.60 -4.68
N SER A 146 -11.42 12.59 -4.68
CA SER A 146 -10.86 13.14 -5.87
CA SER A 146 -10.83 13.18 -5.87
C SER A 146 -9.69 12.27 -6.29
C SER A 146 -9.55 12.46 -6.30
N GLN A 147 -8.81 11.94 -5.33
CA GLN A 147 -7.63 11.13 -5.65
C GLN A 147 -8.04 9.78 -6.22
N THR A 148 -9.07 9.18 -5.64
CA THR A 148 -9.53 7.88 -6.10
C THR A 148 -10.18 7.99 -7.48
N SER A 149 -10.98 9.01 -7.71
N SER A 149 -11.02 9.01 -7.68
CA SER A 149 -11.63 9.12 -9.01
CA SER A 149 -11.65 9.25 -8.97
C SER A 149 -10.62 9.41 -10.12
C SER A 149 -10.61 9.36 -10.07
N ALA A 150 -9.52 10.09 -9.81
CA ALA A 150 -8.49 10.31 -10.81
C ALA A 150 -7.91 8.99 -11.27
N ILE A 151 -7.66 8.09 -10.32
CA ILE A 151 -7.19 6.75 -10.67
C ILE A 151 -8.24 6.00 -11.45
N ALA A 152 -9.48 6.04 -10.97
CA ALA A 152 -10.54 5.26 -11.59
C ALA A 152 -10.80 5.67 -13.04
N ALA A 153 -10.56 6.92 -13.38
CA ALA A 153 -10.81 7.41 -14.73
C ALA A 153 -9.94 6.72 -15.77
N LYS A 154 -8.81 6.17 -15.39
CA LYS A 154 -7.91 5.50 -16.32
C LYS A 154 -7.99 3.97 -16.30
N LEU A 155 -8.88 3.40 -15.51
CA LEU A 155 -9.00 1.96 -15.36
C LEU A 155 -10.30 1.44 -15.94
N THR A 156 -10.26 0.22 -16.41
CA THR A 156 -11.48 -0.51 -16.71
C THR A 156 -11.90 -1.29 -15.47
N LYS A 157 -13.13 -1.79 -15.49
CA LYS A 157 -13.64 -2.51 -14.34
C LYS A 157 -12.79 -3.72 -13.99
N ASP A 158 -12.35 -4.48 -14.99
N ASP A 158 -12.33 -4.47 -14.99
CA ASP A 158 -11.56 -5.67 -14.72
CA ASP A 158 -11.57 -5.67 -14.69
C ASP A 158 -10.23 -5.35 -14.04
C ASP A 158 -10.22 -5.36 -14.04
N ALA A 159 -9.66 -4.17 -14.31
CA ALA A 159 -8.39 -3.78 -13.69
C ALA A 159 -8.48 -3.71 -12.17
N TRP A 160 -9.66 -3.47 -11.62
CA TRP A 160 -9.79 -3.32 -10.18
C TRP A 160 -9.43 -4.58 -9.42
N ASN A 161 -9.43 -5.73 -10.07
CA ASN A 161 -8.99 -6.93 -9.40
C ASN A 161 -7.53 -6.87 -9.00
N GLN A 162 -6.76 -5.98 -9.61
CA GLN A 162 -5.35 -5.84 -9.33
C GLN A 162 -5.03 -4.68 -8.40
N VAL A 163 -6.03 -3.94 -7.94
CA VAL A 163 -5.82 -2.71 -7.17
C VAL A 163 -6.15 -2.97 -5.71
N VAL A 164 -5.28 -2.44 -4.85
CA VAL A 164 -5.45 -2.33 -3.41
C VAL A 164 -5.32 -0.85 -3.11
N LEU A 165 -6.25 -0.29 -2.36
CA LEU A 165 -6.12 1.11 -1.96
C LEU A 165 -5.52 1.18 -0.56
N ALA A 166 -4.64 2.14 -0.33
CA ALA A 166 -4.09 2.36 0.99
C ALA A 166 -4.42 3.80 1.37
N TYR A 167 -5.23 3.94 2.40
CA TYR A 167 -5.57 5.23 2.98
C TYR A 167 -4.56 5.55 4.05
N GLU A 168 -3.75 6.57 3.81
CA GLU A 168 -2.73 6.99 4.76
C GLU A 168 -2.89 8.49 4.96
N PRO A 169 -3.53 8.92 6.04
CA PRO A 169 -3.58 10.36 6.31
C PRO A 169 -2.17 10.89 6.48
N VAL A 170 -1.86 11.97 5.80
CA VAL A 170 -0.47 12.43 5.76
C VAL A 170 0.02 12.77 7.14
N TRP A 171 -0.88 13.28 7.99
CA TRP A 171 -0.54 13.66 9.35
C TRP A 171 -0.22 12.49 10.23
N ALA A 172 -0.54 11.27 9.84
CA ALA A 172 -0.24 10.06 10.58
C ALA A 172 1.04 9.39 10.14
N ILE A 173 1.64 9.79 9.02
CA ILE A 173 2.76 9.06 8.45
C ILE A 173 4.01 9.45 9.20
N GLY A 174 4.59 8.50 9.93
CA GLY A 174 5.85 8.72 10.60
C GLY A 174 5.79 9.62 11.82
N THR A 175 4.61 10.05 12.25
CA THR A 175 4.51 11.09 13.28
C THR A 175 4.17 10.53 14.65
N GLY A 176 3.76 9.28 14.75
N GLY A 176 3.74 9.28 14.75
CA GLY A 176 3.29 8.74 16.00
CA GLY A 176 3.26 8.69 15.98
C GLY A 176 1.91 9.23 16.39
C GLY A 176 1.78 8.91 16.22
N LYS A 177 1.14 9.77 15.45
CA LYS A 177 -0.24 10.17 15.66
C LYS A 177 -1.11 9.34 14.72
N VAL A 178 -1.38 8.12 15.15
CA VAL A 178 -2.22 7.21 14.39
C VAL A 178 -3.63 7.75 14.35
N ALA A 179 -4.36 7.44 13.29
CA ALA A 179 -5.80 7.68 13.29
C ALA A 179 -6.48 6.75 14.26
N THR A 180 -7.56 7.22 14.86
CA THR A 180 -8.36 6.33 15.66
C THR A 180 -9.09 5.34 14.77
N PRO A 181 -9.51 4.21 15.34
CA PRO A 181 -10.27 3.26 14.53
C PRO A 181 -11.50 3.88 13.93
N GLU A 182 -12.18 4.77 14.66
CA GLU A 182 -13.36 5.42 14.12
C GLU A 182 -13.03 6.36 12.97
N GLN A 183 -11.93 7.09 13.06
CA GLN A 183 -11.52 7.97 11.97
C GLN A 183 -11.22 7.18 10.72
N ALA A 184 -10.48 6.09 10.87
CA ALA A 184 -10.11 5.28 9.71
C ALA A 184 -11.33 4.61 9.10
N GLN A 185 -12.18 4.05 9.95
CA GLN A 185 -13.36 3.36 9.46
C GLN A 185 -14.27 4.30 8.67
N GLU A 186 -14.42 5.54 9.13
CA GLU A 186 -15.27 6.49 8.43
C GLU A 186 -14.80 6.68 7.00
N VAL A 187 -13.49 6.83 6.81
CA VAL A 187 -12.97 7.04 5.46
C VAL A 187 -13.05 5.77 4.62
N HIS A 188 -12.69 4.62 5.20
CA HIS A 188 -12.76 3.37 4.45
C HIS A 188 -14.19 3.10 3.99
N LEU A 189 -15.18 3.39 4.83
CA LEU A 189 -16.57 3.13 4.44
C LEU A 189 -16.98 4.05 3.30
N LEU A 190 -16.57 5.31 3.36
CA LEU A 190 -16.83 6.29 2.30
C LEU A 190 -16.23 5.84 0.97
N LEU A 191 -15.01 5.34 1.02
CA LEU A 191 -14.35 4.84 -0.19
C LEU A 191 -15.04 3.61 -0.72
N ARG A 192 -15.38 2.66 0.12
CA ARG A 192 -16.00 1.43 -0.37
C ARG A 192 -17.36 1.73 -0.99
N LYS A 193 -18.10 2.67 -0.40
CA LYS A 193 -19.38 3.07 -0.98
C LYS A 193 -19.20 3.72 -2.34
N TRP A 194 -18.20 4.60 -2.48
CA TRP A 194 -17.93 5.23 -3.76
C TRP A 194 -17.61 4.19 -4.81
N VAL A 195 -16.75 3.22 -4.48
CA VAL A 195 -16.44 2.15 -5.42
C VAL A 195 -17.69 1.36 -5.77
N SER A 196 -18.53 1.07 -4.78
CA SER A 196 -19.73 0.28 -5.02
C SER A 196 -20.66 0.98 -6.02
N GLU A 197 -20.82 2.31 -5.89
CA GLU A 197 -21.75 3.05 -6.73
C GLU A 197 -21.15 3.37 -8.08
N ASN A 198 -19.86 3.57 -8.17
CA ASN A 198 -19.23 4.10 -9.39
C ASN A 198 -18.55 3.03 -10.20
N ILE A 199 -18.13 1.96 -9.59
CA ILE A 199 -17.44 0.88 -10.28
C ILE A 199 -18.28 -0.39 -10.31
N GLY A 200 -18.75 -0.82 -9.15
CA GLY A 200 -19.58 -2.03 -9.05
C GLY A 200 -19.64 -2.59 -7.66
N THR A 201 -20.76 -3.19 -7.26
CA THR A 201 -20.84 -3.74 -5.91
C THR A 201 -19.97 -4.98 -5.76
N ASP A 202 -19.76 -5.72 -6.84
CA ASP A 202 -18.90 -6.89 -6.78
C ASP A 202 -17.45 -6.48 -6.57
N VAL A 203 -17.03 -5.41 -7.24
CA VAL A 203 -15.68 -4.88 -7.04
C VAL A 203 -15.52 -4.43 -5.60
N ALA A 204 -16.50 -3.70 -5.10
CA ALA A 204 -16.38 -3.13 -3.77
C ALA A 204 -16.30 -4.20 -2.70
N ALA A 205 -16.97 -5.33 -2.89
CA ALA A 205 -16.97 -6.34 -1.85
C ALA A 205 -15.63 -7.05 -1.75
N LYS A 206 -14.86 -7.07 -2.83
CA LYS A 206 -13.59 -7.76 -2.89
C LYS A 206 -12.40 -6.83 -2.69
N LEU A 207 -12.61 -5.53 -2.73
CA LEU A 207 -11.52 -4.56 -2.70
C LEU A 207 -10.91 -4.54 -1.32
N ARG A 208 -9.59 -4.63 -1.26
CA ARG A 208 -8.87 -4.39 -0.02
C ARG A 208 -8.54 -2.91 0.09
N ILE A 209 -8.91 -2.35 1.23
CA ILE A 209 -8.56 -0.99 1.60
C ILE A 209 -7.75 -1.08 2.87
N LEU A 210 -6.49 -0.71 2.77
CA LEU A 210 -5.56 -0.78 3.87
C LEU A 210 -5.47 0.58 4.55
N TYR A 211 -5.16 0.58 5.84
CA TYR A 211 -4.83 1.80 6.57
C TYR A 211 -3.34 1.85 6.78
N GLY A 212 -2.74 3.03 6.67
CA GLY A 212 -1.38 3.22 7.09
C GLY A 212 -1.21 4.57 7.76
N GLY A 213 -0.17 4.66 8.57
CA GLY A 213 0.17 5.89 9.27
C GLY A 213 0.29 5.58 10.74
N SER A 214 1.51 5.30 11.19
CA SER A 214 1.82 5.03 12.59
C SER A 214 1.16 3.77 13.13
N VAL A 215 0.94 2.76 12.30
CA VAL A 215 0.51 1.46 12.79
C VAL A 215 1.64 0.81 13.56
N ASN A 216 1.31 0.22 14.70
CA ASN A 216 2.29 -0.57 15.44
C ASN A 216 1.58 -1.82 15.94
N ALA A 217 2.34 -2.70 16.61
CA ALA A 217 1.79 -3.99 17.01
C ALA A 217 0.72 -3.87 18.06
N ALA A 218 0.68 -2.77 18.79
CA ALA A 218 -0.32 -2.61 19.82
C ALA A 218 -1.60 -1.96 19.34
N ASN A 219 -1.58 -1.14 18.29
CA ASN A 219 -2.80 -0.53 17.81
C ASN A 219 -3.39 -1.27 16.63
N ALA A 220 -2.67 -2.24 16.06
CA ALA A 220 -3.14 -2.86 14.83
C ALA A 220 -4.43 -3.65 15.05
N ALA A 221 -4.53 -4.40 16.15
CA ALA A 221 -5.72 -5.23 16.30
C ALA A 221 -7.00 -4.42 16.48
N THR A 222 -6.91 -3.25 17.11
CA THR A 222 -8.12 -2.46 17.26
C THR A 222 -8.52 -1.77 15.96
N LEU A 223 -7.56 -1.45 15.08
CA LEU A 223 -7.91 -0.99 13.74
C LEU A 223 -8.53 -2.11 12.93
N TYR A 224 -7.95 -3.31 12.97
CA TYR A 224 -8.45 -4.38 12.12
C TYR A 224 -9.85 -4.81 12.52
N ALA A 225 -10.26 -4.55 13.77
CA ALA A 225 -11.60 -4.90 14.22
C ALA A 225 -12.68 -4.19 13.44
N LYS A 226 -12.37 -3.08 12.77
CA LYS A 226 -13.37 -2.31 12.05
C LYS A 226 -13.72 -2.99 10.74
N PRO A 227 -14.97 -2.89 10.31
CA PRO A 227 -15.42 -3.76 9.24
C PRO A 227 -14.85 -3.47 7.86
N ASP A 228 -14.40 -2.26 7.60
CA ASP A 228 -13.93 -1.90 6.28
C ASP A 228 -12.42 -1.69 6.19
N ILE A 229 -11.70 -2.12 7.20
CA ILE A 229 -10.24 -2.10 7.23
C ILE A 229 -9.73 -3.49 6.91
N ASN A 230 -8.91 -3.59 5.85
CA ASN A 230 -8.48 -4.89 5.35
C ASN A 230 -6.99 -5.15 5.53
N GLY A 231 -6.35 -4.42 6.40
CA GLY A 231 -4.94 -4.60 6.65
C GLY A 231 -4.25 -3.27 6.66
N PHE A 232 -2.93 -3.33 6.49
CA PHE A 232 -2.07 -2.20 6.86
C PHE A 232 -0.92 -2.05 5.90
N LEU A 233 -0.53 -0.79 5.70
CA LEU A 233 0.73 -0.44 5.05
C LEU A 233 1.59 0.19 6.12
N VAL A 234 2.69 -0.44 6.46
CA VAL A 234 3.45 -0.13 7.67
C VAL A 234 4.84 0.33 7.29
N GLY A 235 5.25 1.47 7.80
CA GLY A 235 6.56 2.04 7.59
C GLY A 235 7.51 1.66 8.71
N GLY A 236 7.62 2.53 9.70
CA GLY A 236 8.64 2.37 10.73
C GLY A 236 8.57 1.03 11.47
N ALA A 237 7.38 0.56 11.79
CA ALA A 237 7.30 -0.67 12.56
C ALA A 237 7.59 -1.90 11.73
N SER A 238 7.73 -1.77 10.41
CA SER A 238 8.01 -2.93 9.58
C SER A 238 9.49 -3.21 9.51
N LEU A 239 10.32 -2.36 10.07
CA LEU A 239 11.75 -2.56 10.19
C LEU A 239 12.11 -3.27 11.48
N LYS A 240 11.14 -3.71 12.25
CA LYS A 240 11.30 -4.28 13.58
C LYS A 240 10.65 -5.64 13.64
N PRO A 241 11.09 -6.48 14.61
CA PRO A 241 10.50 -7.81 14.75
C PRO A 241 9.01 -7.78 15.09
N GLU A 242 8.52 -6.67 15.63
N GLU A 242 8.52 -6.66 15.64
CA GLU A 242 7.11 -6.60 15.98
CA GLU A 242 7.11 -6.55 15.98
C GLU A 242 6.20 -6.54 14.76
C GLU A 242 6.20 -6.56 14.75
N PHE A 243 6.75 -6.47 13.54
CA PHE A 243 5.91 -6.65 12.36
C PHE A 243 5.20 -8.00 12.41
N ARG A 244 5.81 -9.01 13.07
CA ARG A 244 5.16 -10.32 13.20
C ARG A 244 3.80 -10.19 13.87
N ASP A 245 3.71 -9.40 14.92
CA ASP A 245 2.44 -9.18 15.60
C ASP A 245 1.47 -8.30 14.82
N ILE A 246 1.95 -7.44 13.94
CA ILE A 246 1.05 -6.71 13.04
C ILE A 246 0.41 -7.69 12.07
N ILE A 247 1.17 -8.63 11.52
CA ILE A 247 0.59 -9.65 10.67
C ILE A 247 -0.47 -10.41 11.44
N ASP A 248 -0.14 -10.83 12.66
CA ASP A 248 -1.06 -11.68 13.40
C ASP A 248 -2.28 -10.93 13.89
N ALA A 249 -2.27 -9.60 13.85
CA ALA A 249 -3.45 -8.79 14.18
C ALA A 249 -4.49 -8.82 13.08
N THR A 250 -4.20 -9.41 11.91
CA THR A 250 -5.18 -9.53 10.85
C THR A 250 -5.92 -10.85 10.88
N ARG A 251 -5.82 -11.58 11.97
CA ARG A 251 -6.59 -12.80 12.15
C ARG A 251 -8.04 -12.45 12.46
#